data_9C0J
#
_entry.id   9C0J
#
_cell.length_a   1.00
_cell.length_b   1.00
_cell.length_c   1.00
_cell.angle_alpha   90.00
_cell.angle_beta   90.00
_cell.angle_gamma   90.00
#
_symmetry.space_group_name_H-M   'P 1'
#
loop_
_entity.id
_entity.type
_entity.pdbx_description
1 polymer 'Reverse transcriptase/maturase family protein'
2 polymer ccDNA
3 polymer 'DRT2 ncRNA'
4 non-polymer 'MAGNESIUM ION'
5 non-polymer "THYMIDINE-5'-TRIPHOSPHATE"
6 non-polymer 'POTASSIUM ION'
#
loop_
_entity_poly.entity_id
_entity_poly.type
_entity_poly.pdbx_seq_one_letter_code
_entity_poly.pdbx_strand_id
1 'polypeptide(L)'
;MNNDDYPWFRKRGYLHFDEPVSLKKAVKYVSSPEKIIKHSFLPFLSFEVKSFKIKKDKSTKQLSKTEKLRPIAYSSHLDS
HIYAFYAEYLTGHYELLIQENNLHENILAFRSLNKSNIEFAKRAFDTITEMGECSAVALDLSGFFDNLDHQILKHQWCKV
IGTEALPQDHFAIYKSITRYSKVDKNRAYEILGISKNNPKYNRRKICTPVDFRNKIRKNGLIIVNNSQKGIPQGSPISAL
LSNIYMLDFDIEMRDYAQERGGHYYRYCDDMLFIVPTKYNKTLAGDVAQRIKHLKVELNTKKTEIRDFIYKDSTLVANMP
LQYLGFIFDGSNILLRSSSLARYSERMKRGVRLAKATMDSKNRIRENKGEALKALFKKKLYARYSHIGRRNFLTYGYRAA
KIMNSKAIKRQLKPLQKRLENEILK
;
A
2 'polydeoxyribonucleotide' (DT)(DA)(DT)(DG)(DC)(DT)(DG)(DT)(DA) P
3 'polyribonucleotide'
;GGCCCUAAACAAAGGUUUAGGGGUAUUGUACAGGUUGUCAAGCCUCCCACAGGUCUUGGUGAAACCAAUCACUGUGACGA
CGGUAAGCAACACUUGGAUGAUAUUCAUAAUUGACUCCACGCUACUGAUUACAUUAUACAGCAUAUCUAACAUUUGCGGC
GAGGUUCACAAUUUGUAUUUAGGUACUGAUUGUGGAUGAGAAGGUUGGAGAAAGACCACUUGGUUAAGCCGGAGGAUGUG
UCCUAGAAUUGUCGCUAUUCUGUCAUCCUCCGGUUUUGCUAAU
;
R
#
loop_
_chem_comp.id
_chem_comp.type
_chem_comp.name
_chem_comp.formula
A RNA linking ADENOSINE-5'-MONOPHOSPHATE 'C10 H14 N5 O7 P'
C RNA linking CYTIDINE-5'-MONOPHOSPHATE 'C9 H14 N3 O8 P'
DA DNA linking 2'-DEOXYADENOSINE-5'-MONOPHOSPHATE 'C10 H14 N5 O6 P'
DC DNA linking 2'-DEOXYCYTIDINE-5'-MONOPHOSPHATE 'C9 H14 N3 O7 P'
DG DNA linking 2'-DEOXYGUANOSINE-5'-MONOPHOSPHATE 'C10 H14 N5 O7 P'
DT DNA linking THYMIDINE-5'-MONOPHOSPHATE 'C10 H15 N2 O8 P'
G RNA linking GUANOSINE-5'-MONOPHOSPHATE 'C10 H14 N5 O8 P'
K non-polymer 'POTASSIUM ION' 'K 1'
MG non-polymer 'MAGNESIUM ION' 'Mg 2'
TTP non-polymer THYMIDINE-5'-TRIPHOSPHATE 'C10 H17 N2 O14 P3'
U RNA linking URIDINE-5'-MONOPHOSPHATE 'C9 H13 N2 O9 P'
#
# COMPACT_ATOMS: atom_id res chain seq x y z
N MET A 1 1.04 25.05 -22.36
CA MET A 1 1.04 24.67 -20.95
C MET A 1 2.24 23.80 -20.60
N ASN A 2 2.54 23.70 -19.30
CA ASN A 2 3.60 22.87 -18.80
C ASN A 2 3.10 22.11 -17.58
N ASN A 3 3.52 20.85 -17.46
CA ASN A 3 2.99 19.95 -16.43
C ASN A 3 3.49 20.27 -15.03
N ASP A 4 4.59 21.04 -14.90
CA ASP A 4 5.17 21.31 -13.60
C ASP A 4 4.31 22.22 -12.74
N ASP A 5 3.48 23.06 -13.36
CA ASP A 5 2.63 24.00 -12.65
C ASP A 5 1.45 23.26 -12.01
N TYR A 6 1.07 22.10 -12.56
CA TYR A 6 -0.09 21.34 -12.12
C TYR A 6 0.36 19.97 -11.64
N PRO A 7 0.74 19.84 -10.36
CA PRO A 7 1.33 18.57 -9.88
C PRO A 7 0.33 17.43 -9.76
N TRP A 8 -0.97 17.74 -9.73
CA TRP A 8 -2.00 16.72 -9.60
C TRP A 8 -2.26 15.95 -10.90
N PHE A 9 -1.78 16.44 -12.03
CA PHE A 9 -2.07 15.80 -13.31
C PHE A 9 -1.12 14.64 -13.53
N ARG A 10 -1.68 13.43 -13.63
CA ARG A 10 -0.94 12.22 -13.99
C ARG A 10 -1.74 11.48 -15.05
N LYS A 11 -1.06 11.01 -16.09
CA LYS A 11 -1.71 10.33 -17.21
C LYS A 11 -1.76 8.84 -16.91
N ARG A 12 -2.98 8.31 -16.77
CA ARG A 12 -3.16 6.92 -16.39
C ARG A 12 -3.05 6.01 -17.61
N GLY A 13 -2.48 4.82 -17.39
CA GLY A 13 -2.15 3.92 -18.47
C GLY A 13 -3.14 2.81 -18.79
N TYR A 14 -4.15 2.61 -17.96
CA TYR A 14 -5.05 1.49 -18.11
C TYR A 14 -6.21 1.77 -19.06
N LEU A 15 -6.86 0.69 -19.51
CA LEU A 15 -8.13 0.77 -20.22
C LEU A 15 -9.27 1.05 -19.26
N HIS A 16 -10.24 1.85 -19.71
CA HIS A 16 -11.46 2.10 -18.95
C HIS A 16 -12.56 2.43 -19.95
N PHE A 17 -13.73 2.81 -19.43
CA PHE A 17 -14.87 3.16 -20.28
C PHE A 17 -14.68 4.46 -21.03
N ASP A 18 -13.75 5.31 -20.61
CA ASP A 18 -13.36 6.51 -21.34
C ASP A 18 -11.90 6.41 -21.76
N GLU A 19 -11.41 7.48 -22.39
CA GLU A 19 -10.06 7.52 -22.94
C GLU A 19 -9.42 8.83 -22.52
N PRO A 20 -8.08 8.85 -22.31
CA PRO A 20 -7.46 9.95 -21.56
C PRO A 20 -7.46 11.30 -22.27
N VAL A 21 -7.65 12.35 -21.47
CA VAL A 21 -7.75 13.71 -21.97
C VAL A 21 -6.41 14.42 -21.81
N SER A 22 -6.26 15.55 -22.51
CA SER A 22 -5.09 16.39 -22.40
C SER A 22 -5.14 17.22 -21.12
N LEU A 23 -4.00 17.87 -20.83
CA LEU A 23 -3.89 18.76 -19.67
C LEU A 23 -4.80 19.97 -19.79
N LYS A 24 -4.90 20.53 -21.00
CA LYS A 24 -5.65 21.77 -21.25
C LYS A 24 -7.14 21.62 -21.01
N LYS A 25 -7.70 20.46 -21.38
CA LYS A 25 -9.10 20.20 -21.12
C LYS A 25 -9.37 19.87 -19.66
N ALA A 26 -8.45 19.10 -19.05
CA ALA A 26 -8.60 18.64 -17.66
C ALA A 26 -8.58 19.80 -16.67
N VAL A 27 -7.64 20.75 -16.86
CA VAL A 27 -7.53 21.92 -15.98
C VAL A 27 -8.78 22.78 -16.06
N LYS A 28 -9.29 22.99 -17.28
CA LYS A 28 -10.50 23.80 -17.46
C LYS A 28 -11.74 23.09 -16.92
N TYR A 29 -11.77 21.76 -16.94
CA TYR A 29 -12.91 21.02 -16.42
C TYR A 29 -12.93 21.02 -14.89
N VAL A 30 -11.82 20.61 -14.26
CA VAL A 30 -11.88 20.35 -12.81
C VAL A 30 -11.85 21.64 -11.99
N SER A 31 -11.38 22.75 -12.56
CA SER A 31 -11.34 24.01 -11.82
C SER A 31 -12.69 24.70 -11.73
N SER A 32 -13.72 24.20 -12.41
CA SER A 32 -15.06 24.76 -12.39
C SER A 32 -15.94 23.89 -11.49
N PRO A 33 -16.38 24.39 -10.33
CA PRO A 33 -17.28 23.60 -9.47
C PRO A 33 -18.63 23.29 -10.09
N GLU A 34 -19.09 24.07 -11.08
CA GLU A 34 -20.35 23.79 -11.75
C GLU A 34 -20.29 22.50 -12.57
N LYS A 35 -19.11 22.15 -13.09
CA LYS A 35 -18.97 20.90 -13.83
C LYS A 35 -18.95 19.69 -12.90
N ILE A 36 -18.40 19.86 -11.69
CA ILE A 36 -18.27 18.75 -10.75
C ILE A 36 -19.63 18.32 -10.22
N ILE A 37 -20.53 19.28 -10.01
CA ILE A 37 -21.88 19.00 -9.52
C ILE A 37 -22.68 18.21 -10.55
N LYS A 38 -22.53 18.55 -11.82
CA LYS A 38 -23.26 17.89 -12.90
C LYS A 38 -22.43 16.83 -13.62
N HIS A 39 -21.36 16.35 -13.01
CA HIS A 39 -20.54 15.30 -13.60
C HIS A 39 -21.25 13.95 -13.61
N SER A 40 -21.03 13.19 -14.68
CA SER A 40 -21.56 11.84 -14.82
C SER A 40 -20.45 10.85 -14.50
N PHE A 41 -20.34 10.51 -13.22
CA PHE A 41 -19.32 9.57 -12.74
C PHE A 41 -19.54 8.18 -13.31
N LEU A 42 -18.45 7.56 -13.78
CA LEU A 42 -18.45 6.20 -14.29
C LEU A 42 -18.18 5.20 -13.17
N PRO A 43 -18.65 3.95 -13.29
CA PRO A 43 -18.31 2.94 -12.29
C PRO A 43 -16.83 2.56 -12.32
N PHE A 44 -16.35 2.10 -11.17
CA PHE A 44 -15.01 1.55 -11.04
C PHE A 44 -14.89 0.23 -11.78
N LEU A 45 -13.68 -0.09 -12.23
CA LEU A 45 -13.38 -1.44 -12.68
C LEU A 45 -12.70 -2.21 -11.56
N SER A 46 -12.99 -3.50 -11.47
CA SER A 46 -12.56 -4.27 -10.33
C SER A 46 -12.03 -5.64 -10.72
N PHE A 47 -11.08 -6.13 -9.92
CA PHE A 47 -10.50 -7.46 -10.03
C PHE A 47 -9.87 -7.81 -8.69
N GLU A 48 -9.48 -9.07 -8.53
CA GLU A 48 -8.89 -9.59 -7.30
C GLU A 48 -7.59 -10.31 -7.61
N VAL A 49 -6.62 -10.18 -6.71
CA VAL A 49 -5.29 -10.77 -6.88
C VAL A 49 -5.16 -12.00 -5.98
N LYS A 50 -4.72 -13.11 -6.59
CA LYS A 50 -4.60 -14.39 -5.89
C LYS A 50 -3.22 -14.54 -5.28
N SER A 51 -3.16 -14.99 -4.03
CA SER A 51 -1.89 -15.24 -3.36
C SER A 51 -1.99 -16.47 -2.48
N PHE A 52 -0.91 -17.25 -2.42
CA PHE A 52 -0.77 -18.37 -1.50
C PHE A 52 0.41 -18.16 -0.56
N LYS A 53 0.24 -18.52 0.70
CA LYS A 53 1.34 -18.62 1.64
C LYS A 53 1.18 -19.90 2.48
N ILE A 54 2.31 -20.45 2.90
CA ILE A 54 2.36 -21.76 3.57
C ILE A 54 2.40 -21.56 5.07
N LYS A 55 1.75 -22.46 5.81
CA LYS A 55 1.77 -22.46 7.26
C LYS A 55 2.00 -23.88 7.76
N LYS A 56 2.78 -24.01 8.83
CA LYS A 56 3.09 -25.30 9.45
C LYS A 56 2.27 -25.45 10.72
N ASP A 57 1.51 -26.54 10.81
CA ASP A 57 0.68 -26.82 11.98
C ASP A 57 1.57 -27.30 13.12
N LYS A 58 1.53 -26.59 14.25
CA LYS A 58 2.39 -26.92 15.39
C LYS A 58 1.98 -28.23 16.06
N SER A 59 0.69 -28.58 16.00
CA SER A 59 0.21 -29.80 16.64
C SER A 59 0.43 -31.04 15.79
N THR A 60 0.79 -30.88 14.52
CA THR A 60 0.80 -31.98 13.57
C THR A 60 2.14 -32.08 12.84
N LYS A 61 2.92 -30.99 12.78
CA LYS A 61 4.16 -30.85 12.00
C LYS A 61 3.94 -31.17 10.53
N GLN A 62 2.79 -30.77 10.00
CA GLN A 62 2.42 -30.97 8.60
C GLN A 62 2.05 -29.62 7.99
N LEU A 63 2.49 -29.40 6.75
CA LEU A 63 2.28 -28.12 6.09
C LEU A 63 0.87 -27.99 5.54
N SER A 64 0.40 -26.74 5.48
CA SER A 64 -0.94 -26.39 5.02
C SER A 64 -0.84 -25.21 4.07
N LYS A 65 -1.80 -25.09 3.16
CA LYS A 65 -1.84 -24.02 2.17
C LYS A 65 -2.98 -23.06 2.50
N THR A 66 -2.67 -21.78 2.59
CA THR A 66 -3.66 -20.73 2.91
C THR A 66 -3.75 -19.74 1.77
N GLU A 67 -4.89 -19.04 1.69
CA GLU A 67 -5.23 -18.20 0.56
C GLU A 67 -5.69 -16.83 1.06
N LYS A 68 -5.33 -15.78 0.31
CA LYS A 68 -5.77 -14.43 0.62
C LYS A 68 -6.11 -13.69 -0.67
N LEU A 69 -7.24 -12.97 -0.67
CA LEU A 69 -7.71 -12.21 -1.81
C LEU A 69 -7.85 -10.73 -1.44
N ARG A 70 -7.48 -9.86 -2.37
CA ARG A 70 -7.54 -8.41 -2.16
C ARG A 70 -8.39 -7.75 -3.24
N PRO A 71 -9.52 -7.14 -2.89
CA PRO A 71 -10.34 -6.46 -3.92
C PRO A 71 -9.76 -5.13 -4.40
N ILE A 72 -9.27 -5.14 -5.63
CA ILE A 72 -8.75 -3.95 -6.30
C ILE A 72 -9.92 -3.24 -7.00
N ALA A 73 -9.96 -1.91 -6.91
CA ALA A 73 -10.92 -1.12 -7.67
C ALA A 73 -10.30 0.20 -8.10
N TYR A 74 -10.38 0.51 -9.40
CA TYR A 74 -9.76 1.71 -9.96
C TYR A 74 -10.74 2.44 -10.87
N SER A 75 -10.66 3.78 -10.86
CA SER A 75 -11.64 4.65 -11.50
C SER A 75 -11.17 5.09 -12.89
N SER A 76 -12.10 5.72 -13.61
CA SER A 76 -11.84 6.20 -14.97
C SER A 76 -10.95 7.44 -14.93
N HIS A 77 -10.58 7.90 -16.14
CA HIS A 77 -9.50 8.89 -16.31
C HIS A 77 -9.89 10.27 -15.79
N LEU A 78 -11.08 10.76 -16.19
CA LEU A 78 -11.51 12.10 -15.80
C LEU A 78 -11.92 12.13 -14.33
N ASP A 79 -12.50 11.03 -13.84
CA ASP A 79 -12.78 10.89 -12.42
C ASP A 79 -11.51 10.85 -11.59
N SER A 80 -10.45 10.23 -12.14
CA SER A 80 -9.15 10.25 -11.47
C SER A 80 -8.55 11.64 -11.40
N HIS A 81 -8.76 12.46 -12.46
CA HIS A 81 -8.30 13.84 -12.41
C HIS A 81 -9.07 14.66 -11.38
N ILE A 82 -10.39 14.43 -11.25
CA ILE A 82 -11.22 15.12 -10.25
C ILE A 82 -10.80 14.72 -8.84
N TYR A 83 -10.59 13.42 -8.59
CA TYR A 83 -10.14 12.95 -7.28
C TYR A 83 -8.75 13.46 -6.93
N ALA A 84 -7.83 13.52 -7.91
CA ALA A 84 -6.49 14.04 -7.66
C ALA A 84 -6.51 15.54 -7.37
N PHE A 85 -7.35 16.31 -8.06
CA PHE A 85 -7.48 17.74 -7.82
C PHE A 85 -8.05 18.03 -6.43
N TYR A 86 -9.08 17.29 -6.03
CA TYR A 86 -9.64 17.53 -4.71
C TYR A 86 -8.81 16.93 -3.58
N ALA A 87 -8.00 15.91 -3.87
CA ALA A 87 -6.99 15.47 -2.90
C ALA A 87 -5.94 16.54 -2.69
N GLU A 88 -5.52 17.20 -3.78
CA GLU A 88 -4.60 18.33 -3.69
C GLU A 88 -5.20 19.49 -2.89
N TYR A 89 -6.53 19.68 -2.99
CA TYR A 89 -7.18 20.71 -2.16
C TYR A 89 -7.20 20.31 -0.69
N LEU A 90 -7.61 19.07 -0.38
CA LEU A 90 -7.77 18.63 1.01
C LEU A 90 -6.44 18.47 1.74
N THR A 91 -5.35 18.25 0.99
CA THR A 91 -4.04 18.00 1.58
C THR A 91 -3.51 19.20 2.37
N GLY A 92 -3.75 20.42 1.86
CA GLY A 92 -3.30 21.61 2.56
C GLY A 92 -4.03 21.85 3.87
N HIS A 93 -5.34 21.59 3.90
CA HIS A 93 -6.11 21.74 5.13
C HIS A 93 -5.75 20.68 6.16
N TYR A 94 -5.50 19.44 5.69
CA TYR A 94 -5.06 18.39 6.59
C TYR A 94 -3.67 18.66 7.16
N GLU A 95 -2.76 19.18 6.35
CA GLU A 95 -1.43 19.51 6.85
C GLU A 95 -1.41 20.74 7.74
N LEU A 96 -2.39 21.65 7.62
CA LEU A 96 -2.53 22.69 8.64
C LEU A 96 -3.02 22.11 9.96
N LEU A 97 -3.99 21.18 9.90
CA LEU A 97 -4.49 20.57 11.14
C LEU A 97 -3.48 19.64 11.80
N ILE A 98 -2.53 19.10 11.03
CA ILE A 98 -1.42 18.35 11.61
C ILE A 98 -0.54 19.27 12.46
N GLN A 99 -0.18 20.44 11.92
CA GLN A 99 0.73 21.35 12.61
C GLN A 99 0.07 22.01 13.82
N GLU A 100 -1.25 22.26 13.75
CA GLU A 100 -1.95 22.84 14.90
C GLU A 100 -2.02 21.90 16.10
N ASN A 101 -1.94 20.58 15.88
CA ASN A 101 -1.99 19.60 16.96
C ASN A 101 -0.63 18.95 17.25
N ASN A 102 0.44 19.42 16.60
CA ASN A 102 1.82 18.93 16.74
C ASN A 102 1.96 17.44 16.42
N LEU A 103 1.17 16.95 15.47
CA LEU A 103 1.20 15.55 15.05
C LEU A 103 2.17 15.27 13.91
N HIS A 104 3.14 16.15 13.67
CA HIS A 104 4.02 16.04 12.51
C HIS A 104 4.91 14.80 12.59
N GLU A 105 5.39 14.46 13.79
CA GLU A 105 6.32 13.35 13.96
C GLU A 105 5.61 12.02 14.19
N ASN A 106 4.29 12.02 14.39
CA ASN A 106 3.57 10.80 14.73
C ASN A 106 2.90 10.12 13.54
N ILE A 107 2.45 10.89 12.54
CA ILE A 107 1.69 10.36 11.42
C ILE A 107 2.65 10.24 10.23
N LEU A 108 2.78 9.03 9.69
CA LEU A 108 3.86 8.69 8.78
C LEU A 108 3.42 8.40 7.36
N ALA A 109 2.31 7.70 7.16
CA ALA A 109 1.97 7.20 5.85
C ALA A 109 1.30 8.27 5.00
N PHE A 110 1.53 8.17 3.68
CA PHE A 110 0.86 8.94 2.62
C PHE A 110 1.09 10.44 2.72
N ARG A 111 2.18 10.87 3.34
CA ARG A 111 2.54 12.27 3.47
C ARG A 111 3.88 12.51 2.78
N SER A 112 4.00 13.65 2.12
CA SER A 112 5.19 13.98 1.34
C SER A 112 6.31 14.51 2.25
N LEU A 113 6.86 13.60 3.04
CA LEU A 113 7.86 13.94 4.05
C LEU A 113 9.29 13.77 3.56
N ASN A 114 9.48 13.38 2.28
CA ASN A 114 10.78 13.05 1.66
C ASN A 114 11.54 11.96 2.43
N LYS A 115 10.81 11.00 3.01
CA LYS A 115 11.39 9.90 3.76
C LYS A 115 10.73 8.59 3.35
N SER A 116 11.41 7.50 3.64
CA SER A 116 10.99 6.15 3.31
C SER A 116 10.76 5.35 4.58
N ASN A 117 10.43 4.07 4.41
CA ASN A 117 10.16 3.18 5.53
C ASN A 117 11.41 2.89 6.36
N ILE A 118 12.60 3.04 5.76
CA ILE A 118 13.86 2.82 6.47
C ILE A 118 14.05 3.89 7.55
N GLU A 119 13.76 5.14 7.22
CA GLU A 119 13.89 6.24 8.18
C GLU A 119 12.84 6.14 9.28
N PHE A 120 11.61 5.70 8.94
CA PHE A 120 10.57 5.54 9.95
C PHE A 120 10.88 4.41 10.92
N ALA A 121 11.39 3.29 10.39
CA ALA A 121 11.82 2.18 11.22
C ALA A 121 13.03 2.56 12.08
N LYS A 122 13.93 3.37 11.52
CA LYS A 122 15.08 3.86 12.28
C LYS A 122 14.65 4.80 13.40
N ARG A 123 13.65 5.66 13.15
CA ARG A 123 13.11 6.53 14.19
C ARG A 123 12.49 5.73 15.32
N ALA A 124 11.72 4.68 14.98
CA ALA A 124 11.11 3.83 15.99
C ALA A 124 12.14 3.06 16.82
N PHE A 125 13.15 2.47 16.15
CA PHE A 125 14.15 1.69 16.86
C PHE A 125 15.09 2.58 17.69
N ASP A 126 15.39 3.79 17.19
CA ASP A 126 16.15 4.75 17.97
C ASP A 126 15.36 5.25 19.17
N THR A 127 14.04 5.37 19.04
CA THR A 127 13.19 5.74 20.17
C THR A 127 13.21 4.65 21.26
N ILE A 128 13.16 3.39 20.83
CA ILE A 128 13.28 2.25 21.76
C ILE A 128 14.66 2.24 22.43
N THR A 129 15.71 2.53 21.65
CA THR A 129 17.08 2.56 22.16
C THR A 129 17.29 3.68 23.17
N GLU A 130 16.80 4.88 22.86
CA GLU A 130 16.92 6.03 23.76
C GLU A 130 16.09 5.88 25.02
N MET A 131 14.95 5.18 24.93
CA MET A 131 14.07 5.08 26.08
C MET A 131 14.58 4.10 27.13
N GLY A 132 15.38 3.12 26.75
CA GLY A 132 15.90 2.15 27.70
C GLY A 132 14.98 0.97 27.90
N GLU A 133 14.78 0.55 29.15
CA GLU A 133 13.85 -0.52 29.46
C GLU A 133 12.42 -0.04 29.26
N CYS A 134 11.70 -0.69 28.36
CA CYS A 134 10.38 -0.25 27.94
C CYS A 134 9.66 -1.44 27.32
N SER A 135 8.43 -1.19 26.86
CA SER A 135 7.65 -2.20 26.17
C SER A 135 7.11 -1.62 24.87
N ALA A 136 7.20 -2.41 23.80
CA ALA A 136 6.66 -2.02 22.50
C ALA A 136 5.42 -2.86 22.19
N VAL A 137 4.32 -2.19 21.89
CA VAL A 137 3.04 -2.83 21.61
C VAL A 137 2.66 -2.49 20.17
N ALA A 138 2.45 -3.51 19.35
CA ALA A 138 2.09 -3.33 17.95
C ALA A 138 0.65 -3.78 17.72
N LEU A 139 -0.11 -2.95 17.02
CA LEU A 139 -1.53 -3.18 16.80
C LEU A 139 -1.84 -3.07 15.31
N ASP A 140 -3.04 -3.51 14.92
CA ASP A 140 -3.45 -3.52 13.53
C ASP A 140 -4.97 -3.59 13.45
N LEU A 141 -5.52 -3.02 12.38
CA LEU A 141 -6.95 -3.01 12.13
C LEU A 141 -7.31 -4.08 11.11
N SER A 142 -8.48 -4.68 11.31
CA SER A 142 -8.99 -5.69 10.39
C SER A 142 -9.87 -5.01 9.35
N GLY A 143 -9.47 -5.12 8.07
CA GLY A 143 -10.16 -4.50 6.95
C GLY A 143 -10.36 -3.00 7.05
N PHE A 144 -9.29 -2.21 6.96
CA PHE A 144 -9.33 -0.79 7.30
C PHE A 144 -10.13 0.00 6.26
N PHE A 145 -9.80 -0.15 4.98
CA PHE A 145 -10.48 0.63 3.94
C PHE A 145 -11.90 0.12 3.68
N ASP A 146 -12.19 -1.13 4.04
CA ASP A 146 -13.52 -1.69 3.84
C ASP A 146 -14.48 -1.44 4.99
N ASN A 147 -14.03 -0.82 6.10
CA ASN A 147 -14.88 -0.63 7.27
C ASN A 147 -15.03 0.83 7.72
N LEU A 148 -14.57 1.80 6.93
CA LEU A 148 -14.79 3.20 7.29
C LEU A 148 -16.27 3.56 7.20
N ASP A 149 -16.82 3.98 8.34
CA ASP A 149 -18.23 4.37 8.38
C ASP A 149 -18.42 5.69 7.64
N HIS A 150 -19.49 5.77 6.85
CA HIS A 150 -19.69 6.90 5.95
C HIS A 150 -20.04 8.19 6.69
N GLN A 151 -20.78 8.09 7.80
CA GLN A 151 -21.16 9.29 8.53
C GLN A 151 -20.00 9.86 9.34
N ILE A 152 -19.13 8.98 9.86
CA ILE A 152 -17.93 9.44 10.56
C ILE A 152 -16.96 10.08 9.59
N LEU A 153 -16.81 9.50 8.39
CA LEU A 153 -15.99 10.09 7.34
C LEU A 153 -16.53 11.44 6.89
N LYS A 154 -17.86 11.56 6.81
CA LYS A 154 -18.50 12.84 6.47
C LYS A 154 -18.24 13.90 7.56
N HIS A 155 -18.33 13.50 8.83
CA HIS A 155 -18.06 14.42 9.94
C HIS A 155 -16.60 14.89 9.96
N GLN A 156 -15.66 13.96 9.72
CA GLN A 156 -14.25 14.32 9.64
C GLN A 156 -13.95 15.18 8.42
N TRP A 157 -14.66 14.97 7.31
CA TRP A 157 -14.44 15.77 6.11
C TRP A 157 -14.93 17.21 6.32
N CYS A 158 -16.08 17.37 6.96
CA CYS A 158 -16.57 18.70 7.33
C CYS A 158 -15.64 19.37 8.34
N LYS A 159 -15.06 18.61 9.27
CA LYS A 159 -14.14 19.19 10.23
C LYS A 159 -12.84 19.65 9.58
N VAL A 160 -12.34 18.89 8.59
CA VAL A 160 -11.11 19.29 7.90
C VAL A 160 -11.35 20.52 7.02
N ILE A 161 -12.45 20.54 6.26
CA ILE A 161 -12.70 21.74 5.44
C ILE A 161 -13.20 22.91 6.28
N GLY A 162 -13.74 22.66 7.47
CA GLY A 162 -14.09 23.73 8.39
C GLY A 162 -15.51 24.24 8.26
N THR A 163 -16.44 23.37 7.91
CA THR A 163 -17.85 23.72 7.76
C THR A 163 -18.69 22.75 8.59
N GLU A 164 -19.97 23.09 8.73
CA GLU A 164 -20.92 22.18 9.36
C GLU A 164 -21.55 21.22 8.37
N ALA A 165 -21.47 21.49 7.07
CA ALA A 165 -21.98 20.59 6.05
C ALA A 165 -21.14 20.74 4.79
N LEU A 166 -21.16 19.70 3.96
CA LEU A 166 -20.35 19.69 2.76
C LEU A 166 -20.98 20.59 1.68
N PRO A 167 -20.17 21.39 0.97
CA PRO A 167 -20.67 22.02 -0.26
C PRO A 167 -20.95 20.99 -1.35
N GLN A 168 -21.65 21.45 -2.39
CA GLN A 168 -22.32 20.58 -3.36
C GLN A 168 -21.35 19.74 -4.18
N ASP A 169 -20.21 20.30 -4.58
CA ASP A 169 -19.24 19.49 -5.32
C ASP A 169 -18.47 18.55 -4.40
N HIS A 170 -18.18 18.98 -3.17
CA HIS A 170 -17.59 18.10 -2.16
C HIS A 170 -18.56 16.98 -1.78
N PHE A 171 -19.85 17.30 -1.66
CA PHE A 171 -20.86 16.29 -1.40
C PHE A 171 -21.03 15.32 -2.57
N ALA A 172 -20.93 15.82 -3.80
CA ALA A 172 -21.02 14.95 -4.98
C ALA A 172 -19.86 13.96 -5.05
N ILE A 173 -18.64 14.42 -4.73
CA ILE A 173 -17.48 13.54 -4.66
C ILE A 173 -17.60 12.55 -3.50
N TYR A 174 -18.20 12.99 -2.38
CA TYR A 174 -18.46 12.13 -1.24
C TYR A 174 -19.43 11.01 -1.57
N LYS A 175 -20.52 11.34 -2.29
CA LYS A 175 -21.47 10.33 -2.77
C LYS A 175 -20.82 9.35 -3.75
N SER A 176 -19.95 9.87 -4.63
CA SER A 176 -19.26 8.99 -5.57
C SER A 176 -18.26 8.07 -4.87
N ILE A 177 -17.61 8.51 -3.80
CA ILE A 177 -16.57 7.70 -3.18
C ILE A 177 -17.11 6.77 -2.10
N THR A 178 -18.27 7.07 -1.50
CA THR A 178 -18.81 6.23 -0.43
C THR A 178 -19.77 5.17 -0.97
N ARG A 179 -20.86 5.61 -1.62
CA ARG A 179 -21.78 4.68 -2.26
C ARG A 179 -21.32 4.42 -3.70
N TYR A 180 -20.16 3.79 -3.79
CA TYR A 180 -19.50 3.56 -5.07
C TYR A 180 -20.14 2.39 -5.80
N SER A 181 -20.02 2.41 -7.12
CA SER A 181 -20.48 1.33 -7.97
C SER A 181 -19.32 0.80 -8.79
N LYS A 182 -19.31 -0.50 -9.02
CA LYS A 182 -18.16 -1.14 -9.66
C LYS A 182 -18.63 -2.21 -10.64
N VAL A 183 -17.81 -2.45 -11.65
CA VAL A 183 -18.04 -3.46 -12.68
C VAL A 183 -16.84 -4.41 -12.65
N ASP A 184 -17.11 -5.72 -12.66
CA ASP A 184 -16.06 -6.73 -12.68
C ASP A 184 -15.45 -6.70 -14.08
N LYS A 185 -14.11 -6.62 -14.14
CA LYS A 185 -13.40 -6.45 -15.40
C LYS A 185 -13.51 -7.68 -16.28
N ASN A 186 -13.44 -8.87 -15.70
CA ASN A 186 -13.47 -10.10 -16.48
C ASN A 186 -14.85 -10.39 -17.07
N ARG A 187 -15.91 -10.07 -16.34
CA ARG A 187 -17.27 -10.25 -16.87
C ARG A 187 -17.54 -9.24 -17.99
N ALA A 188 -17.01 -8.02 -17.85
CA ALA A 188 -17.10 -7.03 -18.91
C ALA A 188 -16.36 -7.47 -20.17
N TYR A 189 -15.16 -8.05 -20.00
CA TYR A 189 -14.40 -8.53 -21.16
C TYR A 189 -15.06 -9.75 -21.80
N GLU A 190 -15.72 -10.59 -20.99
CA GLU A 190 -16.49 -11.70 -21.56
C GLU A 190 -17.69 -11.20 -22.38
N ILE A 191 -18.43 -10.24 -21.84
CA ILE A 191 -19.67 -9.81 -22.49
C ILE A 191 -19.37 -8.96 -23.73
N LEU A 192 -18.38 -8.07 -23.64
CA LEU A 192 -18.03 -7.24 -24.80
C LEU A 192 -17.23 -7.98 -25.86
N GLY A 193 -16.75 -9.18 -25.56
CA GLY A 193 -15.94 -9.92 -26.52
C GLY A 193 -14.49 -9.51 -26.56
N ILE A 194 -14.01 -8.80 -25.55
CA ILE A 194 -12.62 -8.38 -25.49
C ILE A 194 -11.78 -9.55 -24.97
N SER A 195 -10.64 -9.79 -25.62
CA SER A 195 -9.73 -10.84 -25.17
C SER A 195 -9.09 -10.45 -23.85
N LYS A 196 -9.09 -11.38 -22.89
CA LYS A 196 -8.49 -11.12 -21.58
C LYS A 196 -6.97 -11.06 -21.63
N ASN A 197 -6.36 -11.67 -22.65
CA ASN A 197 -4.90 -11.73 -22.74
C ASN A 197 -4.29 -10.51 -23.40
N ASN A 198 -4.95 -9.94 -24.40
CA ASN A 198 -4.47 -8.74 -25.09
C ASN A 198 -5.64 -7.76 -25.24
N PRO A 199 -5.99 -7.04 -24.17
CA PRO A 199 -7.18 -6.16 -24.24
C PRO A 199 -6.99 -4.90 -25.06
N LYS A 200 -5.77 -4.40 -25.21
CA LYS A 200 -5.54 -3.09 -25.83
C LYS A 200 -5.43 -3.13 -27.34
N TYR A 201 -5.71 -4.26 -27.98
CA TYR A 201 -5.57 -4.36 -29.44
C TYR A 201 -6.69 -3.61 -30.14
N ASN A 202 -6.32 -2.56 -30.89
CA ASN A 202 -7.21 -1.75 -31.74
C ASN A 202 -8.38 -1.13 -31.00
N ARG A 203 -8.17 -0.71 -29.76
CA ARG A 203 -9.19 0.02 -29.02
C ARG A 203 -8.54 0.97 -28.03
N ARG A 204 -9.25 2.06 -27.72
CA ARG A 204 -8.86 3.06 -26.74
C ARG A 204 -9.84 3.15 -25.58
N LYS A 205 -11.10 2.88 -25.83
CA LYS A 205 -12.01 2.80 -24.70
C LYS A 205 -12.35 1.30 -24.63
N ILE A 206 -12.86 0.80 -23.53
CA ILE A 206 -13.36 -0.59 -23.43
C ILE A 206 -14.60 -0.69 -24.32
N CYS A 207 -15.47 0.32 -24.39
CA CYS A 207 -16.64 0.14 -25.27
C CYS A 207 -17.29 1.48 -25.64
N THR A 208 -18.09 1.53 -26.71
CA THR A 208 -18.83 2.75 -27.00
C THR A 208 -19.86 2.97 -25.88
N PRO A 209 -20.31 4.22 -25.66
CA PRO A 209 -21.34 4.48 -24.63
C PRO A 209 -22.67 3.75 -24.81
N VAL A 210 -23.10 3.49 -26.05
CA VAL A 210 -24.33 2.74 -26.25
C VAL A 210 -24.14 1.27 -25.88
N ASP A 211 -22.93 0.73 -26.08
CA ASP A 211 -22.63 -0.62 -25.63
C ASP A 211 -22.53 -0.70 -24.12
N PHE A 212 -22.07 0.36 -23.47
CA PHE A 212 -22.11 0.44 -22.01
C PHE A 212 -23.55 0.41 -21.50
N ARG A 213 -24.39 1.29 -22.05
CA ARG A 213 -25.77 1.45 -21.60
C ARG A 213 -26.65 0.23 -21.89
N ASN A 214 -26.31 -0.56 -22.91
CA ASN A 214 -27.08 -1.77 -23.18
C ASN A 214 -26.42 -3.04 -22.63
N LYS A 215 -25.16 -3.31 -23.00
CA LYS A 215 -24.52 -4.56 -22.60
C LYS A 215 -24.08 -4.54 -21.15
N ILE A 216 -23.59 -3.40 -20.64
CA ILE A 216 -23.02 -3.41 -19.30
C ILE A 216 -24.10 -3.23 -18.23
N ARG A 217 -24.95 -2.21 -18.39
CA ARG A 217 -25.94 -1.91 -17.35
C ARG A 217 -27.08 -2.92 -17.32
N LYS A 218 -27.65 -3.24 -18.49
CA LYS A 218 -28.87 -4.04 -18.51
C LYS A 218 -28.62 -5.52 -18.22
N ASN A 219 -27.38 -5.99 -18.31
CA ASN A 219 -27.05 -7.34 -17.89
C ASN A 219 -26.70 -7.43 -16.41
N GLY A 220 -26.80 -6.33 -15.67
CA GLY A 220 -26.64 -6.38 -14.23
C GLY A 220 -25.21 -6.43 -13.75
N LEU A 221 -24.26 -5.89 -14.53
CA LEU A 221 -22.86 -5.94 -14.14
C LEU A 221 -22.49 -4.88 -13.11
N ILE A 222 -23.30 -3.84 -12.95
CA ILE A 222 -22.99 -2.76 -12.03
C ILE A 222 -23.48 -3.14 -10.63
N ILE A 223 -22.55 -3.22 -9.68
CA ILE A 223 -22.84 -3.60 -8.29
C ILE A 223 -22.58 -2.39 -7.41
N VAL A 224 -23.58 -2.02 -6.61
CA VAL A 224 -23.57 -0.77 -5.85
C VAL A 224 -23.37 -1.09 -4.37
N ASN A 225 -22.47 -0.37 -3.72
CA ASN A 225 -22.17 -0.54 -2.29
C ASN A 225 -23.29 0.07 -1.46
N ASN A 226 -24.35 -0.71 -1.26
CA ASN A 226 -25.50 -0.27 -0.47
C ASN A 226 -25.28 -0.38 1.03
N SER A 227 -24.17 -0.98 1.47
CA SER A 227 -23.83 -0.99 2.88
C SER A 227 -23.37 0.40 3.32
N GLN A 228 -23.37 0.62 4.63
CA GLN A 228 -23.04 1.92 5.20
C GLN A 228 -21.56 2.10 5.50
N LYS A 229 -20.69 1.26 4.93
CA LYS A 229 -19.28 1.32 5.25
C LYS A 229 -18.44 0.97 4.03
N GLY A 230 -17.19 1.41 4.06
CA GLY A 230 -16.17 1.07 3.08
C GLY A 230 -15.96 2.13 2.02
N ILE A 231 -14.72 2.21 1.54
CA ILE A 231 -14.33 3.02 0.38
C ILE A 231 -13.47 2.14 -0.53
N PRO A 232 -13.42 2.42 -1.83
CA PRO A 232 -12.62 1.56 -2.73
C PRO A 232 -11.12 1.75 -2.57
N GLN A 233 -10.39 0.66 -2.80
CA GLN A 233 -8.93 0.63 -2.71
C GLN A 233 -8.34 0.84 -4.10
N GLY A 234 -7.87 2.05 -4.37
CA GLY A 234 -7.25 2.33 -5.66
C GLY A 234 -7.63 3.67 -6.25
N SER A 235 -8.48 4.40 -5.57
CA SER A 235 -8.74 5.78 -5.94
C SER A 235 -7.57 6.66 -5.49
N PRO A 236 -7.29 7.76 -6.20
CA PRO A 236 -6.26 8.71 -5.71
C PRO A 236 -6.57 9.39 -4.37
N ILE A 237 -7.84 9.43 -3.96
CA ILE A 237 -8.25 10.19 -2.78
C ILE A 237 -8.42 9.30 -1.54
N SER A 238 -8.38 7.96 -1.70
CA SER A 238 -8.75 7.04 -0.63
C SER A 238 -7.76 7.03 0.54
N ALA A 239 -6.46 7.14 0.25
CA ALA A 239 -5.45 7.16 1.31
C ALA A 239 -5.55 8.42 2.17
N LEU A 240 -5.80 9.56 1.51
CA LEU A 240 -5.98 10.81 2.22
C LEU A 240 -7.25 10.81 3.09
N LEU A 241 -8.33 10.20 2.58
CA LEU A 241 -9.55 10.06 3.38
C LEU A 241 -9.36 9.11 4.55
N SER A 242 -8.52 8.08 4.38
CA SER A 242 -8.18 7.20 5.50
C SER A 242 -7.36 7.93 6.57
N ASN A 243 -6.51 8.88 6.16
CA ASN A 243 -5.80 9.72 7.13
C ASN A 243 -6.72 10.73 7.82
N ILE A 244 -7.67 11.32 7.07
CA ILE A 244 -8.63 12.28 7.61
C ILE A 244 -9.55 11.61 8.63
N TYR A 245 -9.91 10.35 8.38
CA TYR A 245 -10.79 9.56 9.25
C TYR A 245 -10.23 9.39 10.67
N MET A 246 -8.91 9.25 10.80
CA MET A 246 -8.28 8.84 12.05
C MET A 246 -7.80 9.99 12.94
N LEU A 247 -8.04 11.25 12.55
CA LEU A 247 -7.33 12.41 13.11
C LEU A 247 -7.61 12.62 14.60
N ASP A 248 -8.88 12.57 15.01
CA ASP A 248 -9.23 12.76 16.41
C ASP A 248 -8.76 11.59 17.27
N PHE A 249 -8.74 10.39 16.69
CA PHE A 249 -8.19 9.22 17.38
C PHE A 249 -6.68 9.33 17.51
N ASP A 250 -6.01 9.93 16.52
CA ASP A 250 -4.57 10.15 16.62
C ASP A 250 -4.24 11.19 17.69
N ILE A 251 -5.08 12.23 17.83
CA ILE A 251 -4.90 13.21 18.90
C ILE A 251 -5.08 12.55 20.27
N GLU A 252 -6.13 11.72 20.41
CA GLU A 252 -6.40 11.05 21.68
C GLU A 252 -5.32 10.02 22.03
N MET A 253 -4.79 9.31 21.02
CA MET A 253 -3.74 8.33 21.28
C MET A 253 -2.40 9.00 21.58
N ARG A 254 -2.11 10.15 20.96
CA ARG A 254 -0.91 10.90 21.32
C ARG A 254 -1.00 11.43 22.75
N ASP A 255 -2.19 11.91 23.15
CA ASP A 255 -2.40 12.35 24.53
C ASP A 255 -2.28 11.19 25.52
N TYR A 256 -2.80 10.01 25.15
CA TYR A 256 -2.70 8.82 25.97
C TYR A 256 -1.25 8.38 26.15
N ALA A 257 -0.46 8.41 25.08
CA ALA A 257 0.95 8.04 25.19
C ALA A 257 1.76 9.10 25.93
N GLN A 258 1.46 10.38 25.72
CA GLN A 258 2.25 11.45 26.30
C GLN A 258 1.97 11.62 27.79
N GLU A 259 0.77 11.25 28.24
CA GLU A 259 0.45 11.23 29.67
C GLU A 259 1.30 10.22 30.43
N ARG A 260 1.66 9.12 29.79
CA ARG A 260 2.37 8.01 30.41
C ARG A 260 3.85 8.00 30.09
N GLY A 261 4.38 9.10 29.55
CA GLY A 261 5.79 9.17 29.23
C GLY A 261 6.21 8.37 28.02
N GLY A 262 5.28 8.09 27.11
CA GLY A 262 5.53 7.22 25.99
C GLY A 262 5.50 7.94 24.65
N HIS A 263 5.42 7.14 23.59
CA HIS A 263 5.46 7.64 22.22
C HIS A 263 4.44 6.87 21.37
N TYR A 264 4.00 7.49 20.28
CA TYR A 264 2.98 6.92 19.42
C TYR A 264 3.34 7.16 17.96
N TYR A 265 3.20 6.12 17.14
CA TYR A 265 3.46 6.19 15.71
C TYR A 265 2.36 5.43 14.97
N ARG A 266 1.93 5.96 13.83
CA ARG A 266 0.95 5.26 12.99
C ARG A 266 1.35 5.34 11.52
N TYR A 267 1.40 4.19 10.86
CA TYR A 267 1.65 4.07 9.44
C TYR A 267 0.48 3.27 8.89
N CYS A 268 -0.49 3.96 8.30
CA CYS A 268 -1.79 3.45 7.84
C CYS A 268 -2.53 2.83 9.02
N ASP A 269 -2.62 1.51 9.09
CA ASP A 269 -3.23 0.83 10.23
C ASP A 269 -2.22 0.16 11.16
N ASP A 270 -0.93 0.45 11.00
CA ASP A 270 0.11 -0.12 11.85
C ASP A 270 0.44 0.87 12.95
N MET A 271 -0.17 0.68 14.12
CA MET A 271 0.09 1.54 15.28
C MET A 271 1.19 0.94 16.14
N LEU A 272 2.09 1.79 16.62
CA LEU A 272 3.15 1.38 17.53
C LEU A 272 3.13 2.27 18.76
N PHE A 273 3.02 1.64 19.94
CA PHE A 273 3.13 2.31 21.22
C PHE A 273 4.41 1.86 21.91
N ILE A 274 5.24 2.82 22.31
CA ILE A 274 6.44 2.55 23.10
C ILE A 274 6.23 3.17 24.46
N VAL A 275 6.07 2.32 25.48
CA VAL A 275 5.60 2.72 26.81
C VAL A 275 6.46 2.03 27.85
N PRO A 276 6.50 2.56 29.08
CA PRO A 276 7.09 1.79 30.19
C PRO A 276 6.38 0.48 30.47
N THR A 277 7.14 -0.47 31.04
CA THR A 277 6.77 -1.88 31.08
C THR A 277 5.52 -2.14 31.92
N LYS A 278 5.28 -1.32 32.95
CA LYS A 278 4.11 -1.47 33.80
C LYS A 278 2.78 -1.17 33.11
N TYR A 279 2.80 -0.52 31.95
CA TYR A 279 1.60 -0.24 31.17
C TYR A 279 1.32 -1.26 30.07
N ASN A 280 2.14 -2.32 29.94
CA ASN A 280 2.01 -3.22 28.80
C ASN A 280 0.76 -4.09 28.80
N LYS A 281 0.19 -4.38 29.97
CA LYS A 281 -1.00 -5.22 30.02
C LYS A 281 -2.27 -4.41 29.77
N THR A 282 -2.32 -3.17 30.24
CA THR A 282 -3.56 -2.39 30.24
C THR A 282 -3.81 -1.70 28.91
N LEU A 283 -2.75 -1.45 28.13
CA LEU A 283 -2.85 -0.63 26.92
C LEU A 283 -3.72 -1.27 25.85
N ALA A 284 -3.59 -2.58 25.64
CA ALA A 284 -4.25 -3.28 24.55
C ALA A 284 -5.78 -3.32 24.69
N GLY A 285 -6.29 -3.20 25.90
CA GLY A 285 -7.73 -3.07 26.10
C GLY A 285 -8.18 -1.63 26.10
N ASP A 286 -7.29 -0.73 26.55
CA ASP A 286 -7.60 0.70 26.58
C ASP A 286 -7.72 1.28 25.18
N VAL A 287 -6.89 0.82 24.25
CA VAL A 287 -7.01 1.25 22.85
C VAL A 287 -8.29 0.69 22.23
N ALA A 288 -8.61 -0.58 22.52
CA ALA A 288 -9.80 -1.22 21.96
C ALA A 288 -11.10 -0.63 22.51
N GLN A 289 -11.07 -0.09 23.74
CA GLN A 289 -12.25 0.57 24.29
C GLN A 289 -12.49 1.90 23.57
N ARG A 290 -11.42 2.65 23.28
CA ARG A 290 -11.57 3.98 22.68
C ARG A 290 -11.80 3.92 21.18
N ILE A 291 -11.41 2.83 20.52
CA ILE A 291 -11.47 2.77 19.07
C ILE A 291 -12.88 2.43 18.58
N LYS A 292 -13.76 1.95 19.46
CA LYS A 292 -15.13 1.61 19.08
C LYS A 292 -15.97 2.83 18.71
N HIS A 293 -15.53 4.05 19.07
CA HIS A 293 -16.18 5.25 18.57
C HIS A 293 -16.00 5.45 17.07
N LEU A 294 -14.96 4.85 16.48
CA LEU A 294 -14.74 4.91 15.04
C LEU A 294 -15.35 3.72 14.30
N LYS A 295 -15.85 2.72 15.05
CA LYS A 295 -16.51 1.48 14.61
C LYS A 295 -15.61 0.50 13.86
N VAL A 296 -14.32 0.83 13.68
CA VAL A 296 -13.36 -0.18 13.27
C VAL A 296 -12.88 -0.95 14.49
N GLU A 297 -12.49 -2.20 14.28
CA GLU A 297 -12.12 -3.08 15.39
C GLU A 297 -10.73 -3.67 15.16
N LEU A 298 -10.07 -4.00 16.26
CA LEU A 298 -8.70 -4.47 16.23
C LEU A 298 -8.61 -5.90 15.71
N ASN A 299 -7.58 -6.16 14.92
CA ASN A 299 -7.17 -7.52 14.58
C ASN A 299 -6.34 -8.06 15.74
N THR A 300 -7.03 -8.73 16.66
CA THR A 300 -6.48 -9.35 17.87
C THR A 300 -5.45 -10.43 17.51
N LYS A 301 -5.60 -11.06 16.34
CA LYS A 301 -4.73 -12.15 15.93
C LYS A 301 -3.31 -11.70 15.56
N LYS A 302 -3.07 -10.40 15.40
CA LYS A 302 -1.78 -9.90 14.93
C LYS A 302 -1.04 -9.13 16.02
N THR A 303 -1.68 -8.93 17.17
CA THR A 303 -1.14 -8.11 18.26
C THR A 303 0.09 -8.76 18.91
N GLU A 304 1.19 -7.99 18.98
CA GLU A 304 2.45 -8.43 19.56
C GLU A 304 2.90 -7.46 20.64
N ILE A 305 3.23 -7.98 21.82
CA ILE A 305 3.79 -7.19 22.91
C ILE A 305 5.21 -7.69 23.18
N ARG A 306 6.18 -6.78 23.12
CA ARG A 306 7.58 -7.12 23.31
C ARG A 306 8.16 -6.29 24.44
N ASP A 307 8.97 -6.93 25.29
CA ASP A 307 9.57 -6.29 26.45
C ASP A 307 11.08 -6.26 26.31
N PHE A 308 11.68 -5.11 26.61
CA PHE A 308 13.12 -4.92 26.45
C PHE A 308 13.77 -4.75 27.82
N ILE A 309 14.83 -5.54 28.08
CA ILE A 309 15.63 -5.44 29.30
C ILE A 309 17.11 -5.39 28.93
N TYR A 310 17.93 -4.92 29.87
CA TYR A 310 19.37 -4.91 29.71
C TYR A 310 19.98 -6.24 30.15
N LYS A 311 20.75 -6.87 29.26
CA LYS A 311 21.53 -8.04 29.64
C LYS A 311 22.96 -7.56 29.95
N ASP A 312 23.06 -6.81 31.05
CA ASP A 312 24.22 -6.30 31.80
C ASP A 312 25.00 -5.19 31.11
N SER A 313 24.87 -5.02 29.79
CA SER A 313 25.10 -3.74 29.14
C SER A 313 24.16 -3.59 27.96
N THR A 314 23.76 -4.74 27.39
CA THR A 314 23.10 -4.78 26.10
C THR A 314 21.59 -4.88 26.27
N LEU A 315 20.85 -4.03 25.56
CA LEU A 315 19.40 -4.12 25.56
C LEU A 315 18.97 -5.31 24.70
N VAL A 316 18.20 -6.22 25.31
CA VAL A 316 17.73 -7.43 24.63
C VAL A 316 16.21 -7.50 24.74
N ALA A 317 15.57 -8.05 23.73
CA ALA A 317 14.13 -8.27 23.72
C ALA A 317 13.82 -9.73 24.02
N ASN A 318 12.63 -9.96 24.59
CA ASN A 318 12.17 -11.33 24.81
C ASN A 318 11.83 -12.03 23.50
N MET A 319 11.38 -11.28 22.49
CA MET A 319 11.19 -11.76 21.14
C MET A 319 11.42 -10.58 20.20
N PRO A 320 11.96 -10.82 19.00
CA PRO A 320 12.24 -9.71 18.09
C PRO A 320 11.00 -9.01 17.57
N LEU A 321 11.12 -7.70 17.34
CA LEU A 321 10.02 -6.85 16.95
C LEU A 321 10.09 -6.50 15.47
N GLN A 322 9.01 -6.75 14.74
CA GLN A 322 8.93 -6.47 13.33
C GLN A 322 8.17 -5.16 13.14
N TYR A 323 8.72 -4.26 12.33
CA TYR A 323 8.07 -2.98 12.02
C TYR A 323 8.56 -2.48 10.67
N LEU A 324 7.63 -2.38 9.72
CA LEU A 324 7.84 -1.82 8.37
C LEU A 324 8.95 -2.51 7.59
N GLY A 325 9.07 -3.82 7.73
CA GLY A 325 10.01 -4.58 6.95
C GLY A 325 11.35 -4.86 7.60
N PHE A 326 11.53 -4.47 8.86
CA PHE A 326 12.77 -4.68 9.58
C PHE A 326 12.49 -5.38 10.90
N ILE A 327 13.49 -6.14 11.36
CA ILE A 327 13.39 -6.92 12.58
C ILE A 327 14.40 -6.37 13.58
N PHE A 328 13.93 -6.02 14.78
CA PHE A 328 14.77 -5.41 15.80
C PHE A 328 14.80 -6.30 17.03
N ASP A 329 16.01 -6.76 17.38
CA ASP A 329 16.20 -7.65 18.52
C ASP A 329 16.70 -6.95 19.79
N GLY A 330 16.86 -5.63 19.75
CA GLY A 330 17.35 -4.84 20.87
C GLY A 330 18.62 -4.09 20.58
N SER A 331 19.53 -4.69 19.81
CA SER A 331 20.72 -3.98 19.36
C SER A 331 20.96 -4.21 17.88
N ASN A 332 20.43 -5.30 17.34
CA ASN A 332 20.66 -5.67 15.95
C ASN A 332 19.42 -5.41 15.12
N ILE A 333 19.62 -4.97 13.88
CA ILE A 333 18.54 -4.73 12.92
C ILE A 333 18.74 -5.67 11.74
N LEU A 334 17.68 -6.40 11.38
CA LEU A 334 17.72 -7.40 10.33
C LEU A 334 16.59 -7.15 9.33
N LEU A 335 16.79 -7.64 8.11
CA LEU A 335 15.72 -7.64 7.12
C LEU A 335 14.67 -8.69 7.44
N ARG A 336 13.42 -8.36 7.16
CA ARG A 336 12.32 -9.30 7.30
C ARG A 336 12.47 -10.43 6.28
N SER A 337 12.19 -11.66 6.73
CA SER A 337 12.45 -12.86 5.93
C SER A 337 11.56 -12.97 4.70
N SER A 338 10.38 -12.34 4.73
CA SER A 338 9.43 -12.42 3.62
C SER A 338 9.96 -11.77 2.35
N SER A 339 10.75 -10.69 2.49
CA SER A 339 11.33 -10.04 1.33
C SER A 339 12.44 -10.88 0.72
N LEU A 340 13.21 -11.59 1.55
CA LEU A 340 14.24 -12.49 1.05
C LEU A 340 13.64 -13.71 0.35
N ALA A 341 12.52 -14.23 0.87
CA ALA A 341 11.82 -15.33 0.21
C ALA A 341 11.23 -14.88 -1.13
N ARG A 342 10.68 -13.66 -1.17
CA ARG A 342 10.17 -13.08 -2.42
C ARG A 342 11.29 -12.90 -3.44
N TYR A 343 12.45 -12.41 -3.00
CA TYR A 343 13.60 -12.25 -3.89
C TYR A 343 14.09 -13.58 -4.45
N SER A 344 14.13 -14.62 -3.60
CA SER A 344 14.55 -15.95 -4.05
C SER A 344 13.60 -16.51 -5.11
N GLU A 345 12.29 -16.32 -4.89
CA GLU A 345 11.28 -16.79 -5.84
C GLU A 345 11.38 -16.06 -7.17
N ARG A 346 11.52 -14.72 -7.14
CA ARG A 346 11.61 -13.92 -8.37
C ARG A 346 12.89 -14.22 -9.13
N MET A 347 14.00 -14.40 -8.42
CA MET A 347 15.29 -14.71 -9.04
C MET A 347 15.27 -16.06 -9.74
N LYS A 348 14.73 -17.09 -9.06
CA LYS A 348 14.69 -18.42 -9.66
C LYS A 348 13.74 -18.48 -10.86
N ARG A 349 12.61 -17.78 -10.77
CA ARG A 349 11.69 -17.67 -11.91
C ARG A 349 12.33 -16.96 -13.10
N GLY A 350 13.09 -15.89 -12.84
CA GLY A 350 13.76 -15.17 -13.93
C GLY A 350 14.85 -15.95 -14.62
N VAL A 351 15.69 -16.66 -13.85
CA VAL A 351 16.74 -17.49 -14.46
C VAL A 351 16.13 -18.66 -15.21
N ARG A 352 15.02 -19.22 -14.73
CA ARG A 352 14.35 -20.30 -15.45
C ARG A 352 13.73 -19.83 -16.76
N LEU A 353 13.16 -18.61 -16.78
CA LEU A 353 12.63 -18.04 -18.01
C LEU A 353 13.74 -17.72 -19.02
N ALA A 354 14.89 -17.25 -18.51
CA ALA A 354 16.05 -17.00 -19.38
C ALA A 354 16.58 -18.28 -20.00
N LYS A 355 16.64 -19.37 -19.23
CA LYS A 355 17.05 -20.66 -19.77
C LYS A 355 16.04 -21.22 -20.77
N ALA A 356 14.75 -20.97 -20.54
CA ALA A 356 13.71 -21.38 -21.49
C ALA A 356 13.85 -20.64 -22.82
N THR A 357 14.12 -19.33 -22.77
CA THR A 357 14.31 -18.56 -24.00
C THR A 357 15.60 -18.95 -24.72
N MET A 358 16.65 -19.29 -23.95
CA MET A 358 17.90 -19.80 -24.51
C MET A 358 17.70 -21.14 -25.23
N ASP A 359 16.92 -22.04 -24.62
CA ASP A 359 16.53 -23.28 -25.31
C ASP A 359 15.67 -23.00 -26.52
N SER A 360 14.83 -21.96 -26.46
CA SER A 360 13.91 -21.64 -27.55
C SER A 360 14.66 -21.17 -28.80
N LYS A 361 15.56 -20.20 -28.68
CA LYS A 361 16.22 -19.65 -29.85
C LYS A 361 17.30 -20.56 -30.41
N ASN A 362 17.85 -21.48 -29.60
CA ASN A 362 18.85 -22.40 -30.12
C ASN A 362 18.27 -23.45 -31.06
N ARG A 363 17.00 -23.80 -30.89
CA ARG A 363 16.33 -24.70 -31.84
C ARG A 363 16.15 -24.04 -33.20
N ILE A 364 16.00 -22.72 -33.23
CA ILE A 364 15.92 -21.98 -34.48
C ILE A 364 17.28 -21.95 -35.17
N ARG A 365 18.35 -21.77 -34.38
CA ARG A 365 19.71 -21.78 -34.91
C ARG A 365 20.11 -23.16 -35.43
N GLU A 366 19.61 -24.23 -34.79
CA GLU A 366 19.87 -25.59 -35.25
C GLU A 366 19.26 -25.86 -36.62
N ASN A 367 18.06 -25.33 -36.87
CA ASN A 367 17.38 -25.53 -38.14
C ASN A 367 18.12 -24.85 -39.29
N LYS A 368 18.62 -23.64 -39.08
CA LYS A 368 19.36 -22.94 -40.13
C LYS A 368 20.83 -23.34 -40.18
N GLY A 369 21.29 -24.21 -39.28
CA GLY A 369 22.69 -24.62 -39.25
C GLY A 369 23.64 -23.63 -38.63
N GLU A 370 23.13 -22.57 -38.01
CA GLU A 370 24.00 -21.62 -37.33
C GLU A 370 24.47 -22.18 -35.99
N ALA A 371 25.65 -21.71 -35.55
CA ALA A 371 26.23 -22.18 -34.31
C ALA A 371 25.47 -21.65 -33.10
N LEU A 372 25.32 -22.51 -32.09
CA LEU A 372 24.58 -22.16 -30.89
C LEU A 372 25.35 -21.18 -30.02
N LYS A 373 24.62 -20.46 -29.17
CA LYS A 373 25.19 -19.50 -28.25
C LYS A 373 24.72 -19.80 -26.83
N ALA A 374 25.56 -19.40 -25.86
CA ALA A 374 25.28 -19.64 -24.46
C ALA A 374 24.27 -18.63 -23.92
N LEU A 375 23.96 -18.77 -22.63
CA LEU A 375 23.00 -17.92 -21.95
C LEU A 375 23.49 -16.47 -21.85
N PHE A 376 22.66 -15.54 -22.31
CA PHE A 376 22.93 -14.12 -22.13
C PHE A 376 22.60 -13.72 -20.70
N LYS A 377 23.55 -13.08 -20.02
CA LYS A 377 23.43 -12.85 -18.59
C LYS A 377 23.33 -11.38 -18.19
N LYS A 378 23.23 -10.45 -19.14
CA LYS A 378 23.21 -9.03 -18.82
C LYS A 378 21.93 -8.63 -18.08
N LYS A 379 20.78 -9.12 -18.53
CA LYS A 379 19.52 -8.83 -17.85
C LYS A 379 19.42 -9.57 -16.52
N LEU A 380 20.04 -10.74 -16.41
CA LEU A 380 20.02 -11.51 -15.17
C LEU A 380 20.81 -10.81 -14.07
N TYR A 381 21.99 -10.29 -14.41
CA TYR A 381 22.79 -9.57 -13.42
C TYR A 381 22.19 -8.20 -13.09
N ALA A 382 21.51 -7.58 -14.06
CA ALA A 382 20.95 -6.26 -13.82
C ALA A 382 19.78 -6.29 -12.85
N ARG A 383 18.97 -7.35 -12.89
CA ARG A 383 17.78 -7.39 -12.06
C ARG A 383 17.96 -8.13 -10.75
N TYR A 384 18.93 -9.06 -10.66
CA TYR A 384 19.05 -9.94 -9.52
C TYR A 384 20.43 -9.91 -8.86
N SER A 385 21.27 -8.93 -9.19
CA SER A 385 22.58 -8.81 -8.56
C SER A 385 22.87 -7.35 -8.24
N HIS A 386 23.98 -7.14 -7.53
CA HIS A 386 24.36 -5.82 -7.04
C HIS A 386 24.81 -4.87 -8.16
N ILE A 387 25.17 -5.39 -9.33
CA ILE A 387 25.65 -4.58 -10.44
C ILE A 387 24.55 -3.67 -10.98
N GLY A 388 23.30 -4.13 -10.96
CA GLY A 388 22.20 -3.30 -11.40
C GLY A 388 21.91 -2.17 -10.43
N ARG A 389 21.35 -1.08 -10.96
CA ARG A 389 21.23 0.16 -10.22
C ARG A 389 19.99 0.25 -9.35
N ARG A 390 18.95 -0.52 -9.66
CA ARG A 390 17.69 -0.46 -8.93
C ARG A 390 17.04 -1.86 -8.92
N ASN A 391 17.21 -2.53 -7.79
CA ASN A 391 16.74 -3.89 -7.55
C ASN A 391 16.58 -4.08 -6.04
N PHE A 392 16.36 -5.33 -5.63
CA PHE A 392 16.20 -5.64 -4.20
C PHE A 392 17.52 -5.43 -3.44
N LEU A 393 18.64 -5.73 -4.07
CA LEU A 393 19.92 -5.64 -3.37
C LEU A 393 20.35 -4.19 -3.16
N THR A 394 19.96 -3.28 -4.05
CA THR A 394 20.25 -1.87 -3.85
C THR A 394 19.47 -1.31 -2.65
N TYR A 395 18.23 -1.76 -2.48
CA TYR A 395 17.46 -1.45 -1.28
C TYR A 395 18.12 -2.03 -0.02
N GLY A 396 18.64 -3.25 -0.11
CA GLY A 396 19.28 -3.88 1.03
C GLY A 396 20.54 -3.18 1.47
N TYR A 397 21.37 -2.76 0.51
CA TYR A 397 22.59 -2.04 0.87
C TYR A 397 22.30 -0.58 1.27
N ARG A 398 21.22 0.01 0.76
CA ARG A 398 20.76 1.30 1.30
C ARG A 398 20.32 1.17 2.76
N ALA A 399 19.57 0.10 3.07
CA ALA A 399 19.14 -0.15 4.44
C ALA A 399 20.31 -0.44 5.37
N ALA A 400 21.32 -1.18 4.87
CA ALA A 400 22.52 -1.42 5.65
C ALA A 400 23.33 -0.14 5.86
N LYS A 401 23.31 0.77 4.88
CA LYS A 401 24.06 2.02 4.99
C LYS A 401 23.39 2.99 5.96
N ILE A 402 22.06 3.12 5.88
CA ILE A 402 21.34 4.09 6.70
C ILE A 402 21.30 3.63 8.16
N MET A 403 20.99 2.37 8.39
CA MET A 403 20.80 1.86 9.74
C MET A 403 22.09 1.36 10.39
N ASN A 404 23.22 1.48 9.66
CA ASN A 404 24.57 1.13 10.13
C ASN A 404 24.68 -0.31 10.62
N SER A 405 24.08 -1.23 9.85
CA SER A 405 23.89 -2.61 10.26
C SER A 405 24.79 -3.52 9.44
N LYS A 406 25.76 -4.16 10.10
CA LYS A 406 26.54 -5.21 9.45
C LYS A 406 25.76 -6.51 9.32
N ALA A 407 24.69 -6.66 10.12
CA ALA A 407 23.88 -7.88 10.08
C ALA A 407 23.08 -7.98 8.79
N ILE A 408 22.67 -6.84 8.23
CA ILE A 408 21.97 -6.84 6.94
C ILE A 408 22.93 -7.23 5.82
N LYS A 409 24.19 -6.79 5.91
CA LYS A 409 25.21 -7.15 4.91
C LYS A 409 25.54 -8.64 4.95
N ARG A 410 25.49 -9.25 6.14
CA ARG A 410 25.68 -10.68 6.24
C ARG A 410 24.51 -11.47 5.65
N GLN A 411 23.31 -10.89 5.69
CA GLN A 411 22.15 -11.54 5.08
C GLN A 411 22.24 -11.52 3.56
N LEU A 412 22.74 -10.41 2.99
CA LEU A 412 22.76 -10.23 1.55
C LEU A 412 23.94 -10.92 0.88
N LYS A 413 24.95 -11.30 1.66
CA LYS A 413 26.20 -11.89 1.14
C LYS A 413 26.06 -13.21 0.36
N PRO A 414 25.30 -14.24 0.80
CA PRO A 414 25.25 -15.47 -0.01
C PRO A 414 24.41 -15.37 -1.29
N LEU A 415 23.73 -14.26 -1.56
CA LEU A 415 22.83 -14.16 -2.71
C LEU A 415 23.57 -14.17 -4.04
N GLN A 416 24.81 -13.66 -4.07
CA GLN A 416 25.61 -13.64 -5.30
C GLN A 416 25.99 -15.06 -5.72
N LYS A 417 26.44 -15.87 -4.77
CA LYS A 417 26.78 -17.27 -5.05
C LYS A 417 25.54 -18.08 -5.39
N ARG A 418 24.38 -17.75 -4.80
CA ARG A 418 23.14 -18.43 -5.17
C ARG A 418 22.71 -18.09 -6.59
N LEU A 419 22.89 -16.83 -7.01
CA LEU A 419 22.60 -16.45 -8.40
C LEU A 419 23.53 -17.15 -9.38
N GLU A 420 24.82 -17.23 -9.06
CA GLU A 420 25.78 -17.93 -9.91
C GLU A 420 25.49 -19.44 -9.98
N ASN A 421 25.15 -20.05 -8.85
CA ASN A 421 24.83 -21.48 -8.85
C ASN A 421 23.50 -21.78 -9.54
N GLU A 422 22.55 -20.84 -9.47
CA GLU A 422 21.29 -20.99 -10.21
C GLU A 422 21.53 -20.88 -11.71
N ILE A 423 22.43 -19.99 -12.12
CA ILE A 423 22.83 -19.89 -13.54
C ILE A 423 23.53 -21.17 -13.99
N LEU A 424 24.46 -21.68 -13.19
CA LEU A 424 25.22 -22.87 -13.58
C LEU A 424 24.41 -24.17 -13.48
N LYS A 425 23.23 -24.14 -12.87
CA LYS A 425 22.37 -25.31 -12.77
C LYS A 425 21.82 -25.76 -14.13
MG MG D . -5.86 -3.65 8.10
PA TTP E . -2.81 -4.06 5.08
O1A TTP E . -2.78 -3.63 6.53
O2A TTP E . -1.42 -4.27 4.54
O3A TTP E . -3.64 -5.43 4.92
PB TTP E . -5.20 -5.49 5.31
O1B TTP E . -5.61 -4.29 6.11
O2B TTP E . -6.02 -5.60 4.04
O3B TTP E . -5.34 -6.83 6.19
PG TTP E . -4.86 -8.25 5.64
O1G TTP E . -5.37 -9.34 6.56
O2G TTP E . -5.40 -8.49 4.25
O3G TTP E . -3.34 -8.29 5.61
O5' TTP E . -3.59 -3.00 4.18
C5' TTP E . -3.77 -1.66 4.62
C4' TTP E . -4.40 -0.84 3.51
O4' TTP E . -3.42 -0.49 2.53
C3' TTP E . -5.43 -1.68 2.78
O3' TTP E . -6.73 -1.49 3.33
C2' TTP E . -5.33 -1.21 1.34
C1' TTP E . -3.95 -0.61 1.20
N1 TTP E . -3.11 -1.49 0.36
C2 TTP E . -3.15 -1.41 -1.05
O2 TTP E . -3.89 -0.57 -1.60
N3 TTP E . -2.40 -2.20 -1.82
C4 TTP E . -1.59 -3.11 -1.28
O4 TTP E . -0.90 -3.86 -2.01
C5 TTP E . -1.53 -3.24 0.20
C5M TTP E . -0.63 -4.26 0.85
C6 TTP E . -2.31 -2.40 0.96
K K F . 27.15 -2.57 -25.43
#